data_4LG3
#
_entry.id   4LG3
#
_cell.length_a   85.413
_cell.length_b   85.413
_cell.length_c   197.896
_cell.angle_alpha   90.000
_cell.angle_beta   90.000
_cell.angle_gamma   120.000
#
_symmetry.space_group_name_H-M   'P 32 2 1'
#
loop_
_entity.id
_entity.type
_entity.pdbx_description
1 polymer 'Uncharacterized protein'
2 non-polymer 'SULFATE ION'
3 non-polymer 1,2-ETHANEDIOL
4 water water
#
_entity_poly.entity_id   1
_entity_poly.type   'polypeptide(L)'
_entity_poly.pdbx_seq_one_letter_code
;GDEQSEAQFFAPTKESPYEGIPGRLRYNVRIVLVEQDKQGNYIARRDSSTVSKRQLAATVIAAARYYAQEKRAAVVSITL
DSQPGPAFGKTVLATATYAPDGKGVSGSDDWTWNTLQATPRGLTAQELKIQCLWGE(MSE)RGKFQVDGSTDERRLKAAI
AKKLKIPAEKV(MSE)LNPVFPEPFPQEWTR
;
_entity_poly.pdbx_strand_id   A,B,C
#
# COMPACT_ATOMS: atom_id res chain seq x y z
N SER A 5 -18.80 -16.53 25.71
CA SER A 5 -19.17 -15.29 25.03
C SER A 5 -19.24 -14.08 26.01
N GLU A 6 -18.69 -14.26 27.22
CA GLU A 6 -18.70 -13.21 28.24
C GLU A 6 -17.34 -12.48 28.32
N ALA A 7 -17.37 -11.27 28.88
CA ALA A 7 -16.21 -10.41 29.03
C ALA A 7 -15.20 -10.99 30.00
N GLN A 8 -13.92 -10.81 29.68
CA GLN A 8 -12.81 -11.28 30.51
C GLN A 8 -12.37 -10.19 31.47
N PHE A 9 -11.67 -10.57 32.57
CA PHE A 9 -11.14 -9.59 33.51
C PHE A 9 -10.07 -8.74 32.83
N PHE A 10 -10.18 -7.43 33.04
CA PHE A 10 -9.24 -6.51 32.44
C PHE A 10 -8.83 -5.45 33.44
N ALA A 11 -7.77 -4.73 33.11
CA ALA A 11 -7.28 -3.59 33.87
C ALA A 11 -6.80 -2.55 32.88
N PRO A 12 -7.12 -1.26 33.07
CA PRO A 12 -6.59 -0.24 32.13
C PRO A 12 -5.07 -0.04 32.33
N THR A 13 -4.36 0.34 31.26
CA THR A 13 -2.92 0.65 31.31
C THR A 13 -2.71 2.09 30.91
N LYS A 14 -3.73 2.68 30.28
CA LYS A 14 -3.70 4.05 29.77
C LYS A 14 -5.12 4.54 29.55
N GLU A 15 -5.37 5.81 29.94
CA GLU A 15 -6.66 6.52 29.82
C GLU A 15 -6.42 7.97 29.50
N SER A 16 -7.08 8.50 28.48
CA SER A 16 -6.89 9.93 28.17
C SER A 16 -8.08 10.52 27.43
N PRO A 17 -8.51 11.73 27.82
CA PRO A 17 -9.58 12.38 27.08
C PRO A 17 -9.09 13.13 25.83
N TYR A 18 -10.01 13.35 24.90
CA TYR A 18 -9.81 14.14 23.69
C TYR A 18 -11.06 15.00 23.50
N GLU A 19 -10.84 16.32 23.56
CA GLU A 19 -11.92 17.30 23.45
C GLU A 19 -11.79 18.21 22.18
N GLY A 20 -11.25 17.66 21.09
CA GLY A 20 -11.06 18.39 19.84
C GLY A 20 -12.34 18.76 19.13
N ILE A 21 -13.38 17.96 19.36
CA ILE A 21 -14.70 18.15 18.84
C ILE A 21 -15.53 18.82 19.94
N PRO A 22 -15.82 20.13 19.77
CA PRO A 22 -16.58 20.88 20.80
C PRO A 22 -17.92 20.22 21.18
N GLY A 23 -18.11 20.07 22.50
CA GLY A 23 -19.27 19.43 23.13
C GLY A 23 -19.36 17.94 22.93
N ARG A 24 -18.25 17.28 22.62
CA ARG A 24 -18.25 15.85 22.35
C ARG A 24 -16.93 15.25 22.83
N LEU A 25 -16.93 14.89 24.11
CA LEU A 25 -15.79 14.30 24.80
C LEU A 25 -15.55 12.86 24.34
N ARG A 26 -14.33 12.59 23.90
CA ARG A 26 -13.85 11.27 23.53
C ARG A 26 -12.94 10.74 24.66
N TYR A 27 -13.08 9.46 25.01
CA TYR A 27 -12.22 8.88 26.03
C TYR A 27 -11.54 7.68 25.44
N ASN A 28 -10.21 7.73 25.36
CA ASN A 28 -9.42 6.63 24.76
C ASN A 28 -8.78 5.84 25.85
N VAL A 29 -8.97 4.51 25.80
CA VAL A 29 -8.46 3.62 26.84
C VAL A 29 -7.77 2.41 26.25
N ARG A 30 -6.62 2.04 26.85
CA ARG A 30 -5.87 0.81 26.56
C ARG A 30 -6.05 -0.10 27.74
N ILE A 31 -6.45 -1.35 27.47
CA ILE A 31 -6.68 -2.32 28.53
C ILE A 31 -5.84 -3.55 28.27
N VAL A 32 -5.66 -4.39 29.30
CA VAL A 32 -4.97 -5.68 29.22
C VAL A 32 -5.81 -6.72 29.98
N LEU A 33 -5.66 -8.01 29.62
CA LEU A 33 -6.29 -9.10 30.32
C LEU A 33 -5.51 -9.41 31.58
N VAL A 34 -6.22 -9.62 32.69
CA VAL A 34 -5.58 -9.94 33.97
C VAL A 34 -6.15 -11.22 34.58
N GLU A 35 -5.42 -11.76 35.56
CA GLU A 35 -5.87 -12.92 36.34
C GLU A 35 -5.33 -12.81 37.74
N GLN A 36 -5.88 -13.58 38.68
CA GLN A 36 -5.37 -13.68 40.06
C GLN A 36 -4.31 -14.75 40.16
N ASP A 37 -3.19 -14.45 40.86
CA ASP A 37 -2.15 -15.44 41.13
C ASP A 37 -2.50 -16.18 42.44
N LYS A 38 -1.72 -17.21 42.82
CA LYS A 38 -1.91 -18.02 44.03
C LYS A 38 -2.04 -17.18 45.32
N GLN A 39 -1.34 -16.03 45.38
CA GLN A 39 -1.36 -15.10 46.54
C GLN A 39 -2.60 -14.19 46.52
N GLY A 40 -3.40 -14.26 45.45
CA GLY A 40 -4.59 -13.45 45.27
C GLY A 40 -4.35 -12.11 44.60
N ASN A 41 -3.10 -11.90 44.10
CA ASN A 41 -2.72 -10.66 43.41
C ASN A 41 -3.07 -10.73 41.93
N TYR A 42 -3.41 -9.58 41.31
CA TYR A 42 -3.74 -9.56 39.89
C TYR A 42 -2.49 -9.28 39.10
N ILE A 43 -2.31 -10.08 38.05
CA ILE A 43 -1.16 -10.02 37.17
C ILE A 43 -1.65 -10.02 35.73
N ALA A 44 -0.78 -9.63 34.80
CA ALA A 44 -1.06 -9.75 33.38
C ALA A 44 -1.31 -11.22 33.08
N ARG A 45 -2.39 -11.55 32.35
CA ARG A 45 -2.78 -12.92 32.05
C ARG A 45 -1.63 -13.66 31.35
N ARG A 46 -1.16 -14.74 31.97
CA ARG A 46 -0.01 -15.55 31.57
C ARG A 46 -0.18 -16.18 30.19
N ASP A 47 -1.39 -16.66 29.87
CA ASP A 47 -1.71 -17.31 28.60
C ASP A 47 -3.16 -17.04 28.22
N SER A 48 -3.41 -16.39 27.08
CA SER A 48 -4.76 -16.10 26.60
C SER A 48 -5.10 -16.90 25.30
N SER A 49 -4.32 -17.95 24.97
CA SER A 49 -4.55 -18.69 23.72
C SER A 49 -5.87 -19.49 23.71
N THR A 50 -6.49 -19.67 24.88
CA THR A 50 -7.78 -20.37 25.02
C THR A 50 -8.95 -19.38 25.09
N VAL A 51 -8.67 -18.07 25.06
CA VAL A 51 -9.66 -17.01 25.05
C VAL A 51 -10.17 -16.88 23.60
N SER A 52 -11.48 -17.07 23.38
CA SER A 52 -12.10 -16.99 22.06
C SER A 52 -12.16 -15.52 21.54
N LYS A 53 -12.38 -15.38 20.23
CA LYS A 53 -12.57 -14.11 19.54
C LYS A 53 -13.77 -13.39 20.17
N ARG A 54 -14.84 -14.17 20.45
CA ARG A 54 -16.08 -13.69 21.05
C ARG A 54 -15.81 -13.12 22.44
N GLN A 55 -14.95 -13.77 23.24
CA GLN A 55 -14.59 -13.30 24.57
C GLN A 55 -13.75 -12.02 24.51
N LEU A 56 -12.84 -11.91 23.52
CA LEU A 56 -12.01 -10.73 23.31
C LEU A 56 -12.89 -9.54 22.95
N ALA A 57 -13.86 -9.75 22.04
CA ALA A 57 -14.83 -8.74 21.61
C ALA A 57 -15.73 -8.31 22.80
N ALA A 58 -16.25 -9.28 23.57
CA ALA A 58 -17.10 -9.00 24.75
C ALA A 58 -16.37 -8.17 25.78
N THR A 59 -15.03 -8.32 25.89
CA THR A 59 -14.19 -7.59 26.84
C THR A 59 -14.14 -6.09 26.46
N VAL A 60 -13.88 -5.79 25.18
CA VAL A 60 -13.78 -4.41 24.71
C VAL A 60 -15.15 -3.76 24.68
N ILE A 61 -16.22 -4.53 24.34
CA ILE A 61 -17.60 -4.04 24.37
C ILE A 61 -17.94 -3.59 25.79
N ALA A 62 -17.69 -4.45 26.81
CA ALA A 62 -17.99 -4.19 28.23
C ALA A 62 -17.16 -3.04 28.77
N ALA A 63 -15.87 -2.92 28.37
CA ALA A 63 -15.02 -1.82 28.79
C ALA A 63 -15.55 -0.50 28.21
N ALA A 64 -15.93 -0.50 26.90
CA ALA A 64 -16.49 0.70 26.22
C ALA A 64 -17.74 1.23 26.93
N ARG A 65 -18.68 0.34 27.25
CA ARG A 65 -19.92 0.62 27.97
C ARG A 65 -19.65 1.17 29.37
N TYR A 66 -18.68 0.58 30.07
CA TYR A 66 -18.25 1.02 31.40
C TYR A 66 -17.72 2.45 31.38
N TYR A 67 -16.75 2.74 30.52
CA TYR A 67 -16.13 4.05 30.44
C TYR A 67 -17.06 5.13 29.96
N ALA A 68 -18.02 4.81 29.07
CA ALA A 68 -19.00 5.77 28.58
C ALA A 68 -19.86 6.28 29.76
N GLN A 69 -20.29 5.35 30.61
CA GLN A 69 -21.08 5.59 31.80
C GLN A 69 -20.26 6.33 32.89
N GLU A 70 -19.07 5.81 33.22
CA GLU A 70 -18.22 6.32 34.28
C GLU A 70 -17.62 7.69 33.97
N LYS A 71 -17.12 7.91 32.75
CA LYS A 71 -16.50 9.20 32.42
C LYS A 71 -17.49 10.18 31.76
N ARG A 72 -18.75 9.74 31.52
CA ARG A 72 -19.77 10.57 30.88
C ARG A 72 -19.22 11.04 29.53
N ALA A 73 -18.63 10.11 28.78
CA ALA A 73 -18.07 10.42 27.48
C ALA A 73 -19.09 10.18 26.37
N ALA A 74 -19.06 11.01 25.31
CA ALA A 74 -19.94 10.84 24.16
C ALA A 74 -19.39 9.73 23.24
N VAL A 75 -18.07 9.56 23.26
CA VAL A 75 -17.34 8.58 22.43
C VAL A 75 -16.29 7.91 23.29
N VAL A 76 -16.15 6.58 23.13
CA VAL A 76 -15.16 5.81 23.88
C VAL A 76 -14.48 4.83 22.95
N SER A 77 -13.15 4.88 22.90
CA SER A 77 -12.32 3.96 22.14
C SER A 77 -11.57 3.07 23.09
N ILE A 78 -11.68 1.75 22.90
CA ILE A 78 -11.00 0.75 23.73
C ILE A 78 -10.04 -0.08 22.86
N THR A 79 -8.80 -0.25 23.30
CA THR A 79 -7.84 -1.12 22.66
C THR A 79 -7.37 -2.14 23.68
N LEU A 80 -7.54 -3.43 23.37
CA LEU A 80 -7.07 -4.50 24.21
C LEU A 80 -5.70 -4.93 23.68
N ASP A 81 -4.65 -4.78 24.52
CA ASP A 81 -3.30 -5.20 24.17
C ASP A 81 -2.99 -6.61 24.69
N SER A 82 -2.04 -7.31 24.06
CA SER A 82 -1.63 -8.67 24.40
C SER A 82 -1.05 -8.77 25.81
N GLN A 83 -0.47 -7.67 26.29
CA GLN A 83 0.15 -7.57 27.61
C GLN A 83 0.63 -6.14 27.86
N PRO A 84 0.97 -5.76 29.12
CA PRO A 84 1.60 -4.43 29.34
C PRO A 84 2.97 -4.39 28.65
N GLY A 85 3.39 -3.24 28.21
CA GLY A 85 4.69 -3.13 27.57
C GLY A 85 4.83 -1.95 26.62
N PRO A 86 6.04 -1.77 26.03
CA PRO A 86 6.22 -0.66 25.06
C PRO A 86 5.47 -0.94 23.75
N ALA A 87 5.48 0.01 22.81
CA ALA A 87 4.79 -0.09 21.52
C ALA A 87 5.09 -1.38 20.77
N PHE A 88 6.36 -1.83 20.76
CA PHE A 88 6.75 -3.04 20.03
C PHE A 88 7.12 -4.17 20.97
N GLY A 89 6.44 -4.23 22.11
CA GLY A 89 6.58 -5.26 23.13
C GLY A 89 5.24 -5.92 23.40
N LYS A 90 4.24 -5.62 22.53
CA LYS A 90 2.86 -6.08 22.66
C LYS A 90 2.16 -5.84 21.36
N THR A 91 0.95 -6.44 21.19
CA THR A 91 0.11 -6.29 19.99
C THR A 91 -1.35 -6.14 20.39
N VAL A 92 -2.18 -5.73 19.45
CA VAL A 92 -3.62 -5.54 19.58
C VAL A 92 -4.33 -6.87 19.46
N LEU A 93 -5.13 -7.20 20.48
CA LEU A 93 -5.98 -8.38 20.51
C LEU A 93 -7.43 -8.04 20.10
N ALA A 94 -7.88 -6.80 20.36
CA ALA A 94 -9.25 -6.38 20.08
C ALA A 94 -9.38 -4.88 20.20
N THR A 95 -10.36 -4.30 19.47
CA THR A 95 -10.70 -2.87 19.48
C THR A 95 -12.20 -2.69 19.34
N ALA A 96 -12.71 -1.54 19.85
CA ALA A 96 -14.10 -1.12 19.74
C ALA A 96 -14.25 0.35 20.07
N THR A 97 -15.03 1.06 19.25
CA THR A 97 -15.38 2.45 19.46
C THR A 97 -16.92 2.48 19.65
N TYR A 98 -17.36 3.13 20.71
CA TYR A 98 -18.73 3.27 21.15
C TYR A 98 -19.15 4.73 21.29
N ALA A 99 -20.24 5.09 20.60
CA ALA A 99 -20.89 6.41 20.62
C ALA A 99 -22.36 6.19 21.04
N PRO A 100 -22.65 6.15 22.37
CA PRO A 100 -24.02 5.83 22.83
C PRO A 100 -25.18 6.57 22.12
N ASP A 101 -24.98 7.84 21.75
CA ASP A 101 -26.03 8.65 21.11
C ASP A 101 -26.18 8.36 19.57
N GLY A 102 -25.39 7.44 19.03
CA GLY A 102 -25.47 7.02 17.64
C GLY A 102 -25.00 8.03 16.60
N LYS A 103 -24.11 8.96 17.01
CA LYS A 103 -23.60 10.05 16.17
C LYS A 103 -22.07 9.96 15.95
N GLY A 104 -21.50 8.81 16.20
CA GLY A 104 -20.09 8.51 16.00
C GLY A 104 -19.09 9.38 16.73
N VAL A 105 -17.93 9.58 16.11
CA VAL A 105 -16.87 10.43 16.65
C VAL A 105 -17.19 11.92 16.39
N SER A 106 -17.62 12.28 15.17
CA SER A 106 -17.89 13.66 14.76
C SER A 106 -19.11 14.32 15.42
N GLY A 107 -20.15 13.53 15.71
CA GLY A 107 -21.40 14.08 16.23
C GLY A 107 -22.44 14.24 15.13
N SER A 108 -22.05 13.94 13.88
CA SER A 108 -22.92 13.98 12.69
C SER A 108 -22.77 12.68 11.88
N ASP A 109 -22.13 11.64 12.48
CA ASP A 109 -22.06 10.32 11.86
C ASP A 109 -23.39 9.59 12.18
N ASP A 110 -23.52 8.34 11.73
CA ASP A 110 -24.75 7.59 11.98
C ASP A 110 -24.39 6.17 12.40
N TRP A 111 -23.70 6.05 13.54
CA TRP A 111 -23.32 4.76 14.09
C TRP A 111 -23.11 4.86 15.57
N THR A 112 -23.30 3.71 16.26
CA THR A 112 -23.14 3.55 17.70
C THR A 112 -21.85 2.78 17.96
N TRP A 113 -21.57 1.77 17.13
CA TRP A 113 -20.38 0.94 17.25
C TRP A 113 -19.58 0.96 15.94
N ASN A 114 -18.26 1.05 16.05
CA ASN A 114 -17.35 1.06 14.90
C ASN A 114 -15.98 0.56 15.31
N THR A 115 -15.13 0.25 14.33
CA THR A 115 -13.74 -0.19 14.49
C THR A 115 -13.73 -1.43 15.35
N LEU A 116 -14.60 -2.38 14.97
CA LEU A 116 -14.78 -3.62 15.70
C LEU A 116 -13.79 -4.63 15.21
N GLN A 117 -12.79 -4.94 16.04
CA GLN A 117 -11.74 -5.90 15.69
C GLN A 117 -11.46 -6.83 16.81
N ALA A 118 -11.10 -8.06 16.50
CA ALA A 118 -10.69 -9.06 17.48
C ALA A 118 -9.87 -10.12 16.78
N THR A 119 -8.80 -10.59 17.44
CA THR A 119 -7.95 -11.65 16.90
C THR A 119 -8.72 -12.99 17.05
N PRO A 120 -8.44 -14.03 16.23
CA PRO A 120 -9.22 -15.30 16.41
C PRO A 120 -8.99 -15.99 17.77
N ARG A 121 -7.94 -15.59 18.50
CA ARG A 121 -7.54 -16.11 19.83
C ARG A 121 -6.55 -15.17 20.50
N GLY A 122 -6.29 -15.39 21.79
CA GLY A 122 -5.24 -14.67 22.52
C GLY A 122 -3.89 -15.34 22.28
N LEU A 123 -2.87 -14.99 23.07
CA LEU A 123 -1.53 -15.55 22.81
C LEU A 123 -1.06 -16.51 23.89
N THR A 124 -0.15 -17.42 23.51
CA THR A 124 0.44 -18.40 24.44
C THR A 124 1.47 -17.69 25.30
N ALA A 125 1.85 -18.29 26.43
CA ALA A 125 2.90 -17.75 27.30
C ALA A 125 4.20 -17.54 26.51
N GLN A 126 4.51 -18.49 25.58
CA GLN A 126 5.72 -18.42 24.75
C GLN A 126 5.64 -17.25 23.76
N GLU A 127 4.47 -17.04 23.14
CA GLU A 127 4.23 -15.94 22.21
C GLU A 127 4.37 -14.58 22.93
N LEU A 128 3.89 -14.51 24.16
CA LEU A 128 3.95 -13.32 25.01
C LEU A 128 5.37 -13.03 25.47
N LYS A 129 6.14 -14.07 25.76
CA LYS A 129 7.55 -13.96 26.14
C LYS A 129 8.37 -13.46 24.94
N ILE A 130 8.07 -13.96 23.72
CA ILE A 130 8.79 -13.56 22.51
C ILE A 130 8.59 -12.04 22.29
N GLN A 131 7.32 -11.57 22.47
CA GLN A 131 6.90 -10.14 22.37
C GLN A 131 7.64 -9.26 23.35
N CYS A 132 7.77 -9.75 24.57
CA CYS A 132 8.48 -9.08 25.65
C CYS A 132 9.99 -8.95 25.32
N LEU A 133 10.62 -10.04 24.82
CA LEU A 133 12.01 -10.03 24.40
C LEU A 133 12.21 -9.10 23.21
N TRP A 134 11.30 -9.16 22.21
CA TRP A 134 11.27 -8.29 21.03
C TRP A 134 11.36 -6.83 21.47
N GLY A 135 10.45 -6.42 22.36
CA GLY A 135 10.38 -5.06 22.90
C GLY A 135 11.62 -4.60 23.65
N GLU A 136 12.23 -5.50 24.43
CA GLU A 136 13.41 -5.21 25.25
C GLU A 136 14.70 -5.13 24.47
N ARG A 138 15.02 -5.02 20.68
CA ARG A 138 14.97 -4.40 19.35
C ARG A 138 15.84 -3.13 19.20
N GLY A 139 15.95 -2.34 20.27
CA GLY A 139 16.79 -1.15 20.32
C GLY A 139 18.27 -1.41 20.02
N LYS A 140 18.75 -2.64 20.28
CA LYS A 140 20.13 -3.07 20.02
C LYS A 140 20.28 -3.63 18.59
N PHE A 141 19.18 -3.71 17.83
CA PHE A 141 19.16 -4.28 16.49
C PHE A 141 18.66 -3.27 15.43
N GLN A 142 18.91 -1.97 15.67
CA GLN A 142 18.49 -0.93 14.73
C GLN A 142 19.55 -0.70 13.66
N VAL A 143 19.18 -0.88 12.38
CA VAL A 143 20.08 -0.69 11.24
C VAL A 143 19.35 0.16 10.20
N ASP A 144 19.83 1.41 9.99
CA ASP A 144 19.32 2.42 9.05
C ASP A 144 17.83 2.71 9.28
N GLY A 145 17.49 3.00 10.54
CA GLY A 145 16.12 3.33 10.97
C GLY A 145 15.13 2.18 10.97
N SER A 146 15.60 0.94 10.84
CA SER A 146 14.72 -0.23 10.85
C SER A 146 15.35 -1.39 11.61
N THR A 147 14.51 -2.23 12.22
CA THR A 147 14.94 -3.39 12.98
C THR A 147 15.52 -4.43 12.03
N ASP A 148 16.70 -4.95 12.35
CA ASP A 148 17.31 -6.06 11.61
C ASP A 148 16.60 -7.32 12.14
N GLU A 149 15.46 -7.65 11.52
CA GLU A 149 14.58 -8.75 11.94
C GLU A 149 15.31 -10.10 11.99
N ARG A 150 16.16 -10.37 10.96
CA ARG A 150 16.95 -11.60 10.82
C ARG A 150 17.79 -11.87 12.08
N ARG A 151 18.59 -10.87 12.50
CA ARG A 151 19.46 -10.93 13.67
C ARG A 151 18.66 -10.92 14.99
N LEU A 152 17.55 -10.15 15.06
CA LEU A 152 16.72 -10.12 16.27
C LEU A 152 16.02 -11.47 16.47
N LYS A 153 15.43 -12.04 15.39
CA LYS A 153 14.77 -13.35 15.40
C LYS A 153 15.76 -14.45 15.88
N ALA A 154 17.02 -14.41 15.39
CA ALA A 154 18.06 -15.38 15.74
C ALA A 154 18.49 -15.30 17.22
N ALA A 155 18.66 -14.08 17.77
CA ALA A 155 19.06 -13.85 19.16
C ALA A 155 17.99 -14.32 20.13
N ILE A 156 16.68 -14.13 19.78
CA ILE A 156 15.55 -14.56 20.62
C ILE A 156 15.52 -16.09 20.57
N ALA A 157 15.66 -16.66 19.37
CA ALA A 157 15.69 -18.10 19.11
C ALA A 157 16.79 -18.77 19.93
N LYS A 158 18.00 -18.19 19.94
CA LYS A 158 19.17 -18.69 20.68
C LYS A 158 18.95 -18.65 22.18
N LYS A 159 18.25 -17.61 22.65
CA LYS A 159 17.96 -17.41 24.07
C LYS A 159 16.89 -18.41 24.57
N LEU A 160 15.83 -18.61 23.79
CA LEU A 160 14.71 -19.48 24.17
C LEU A 160 14.88 -20.90 23.68
N LYS A 161 15.95 -21.17 22.90
CA LYS A 161 16.29 -22.47 22.36
C LYS A 161 15.10 -23.05 21.53
N ILE A 162 14.56 -22.19 20.66
CA ILE A 162 13.43 -22.47 19.76
C ILE A 162 13.82 -22.07 18.31
N PRO A 163 13.14 -22.55 17.23
CA PRO A 163 13.52 -22.09 15.88
C PRO A 163 13.10 -20.63 15.64
N ALA A 164 13.92 -19.88 14.86
CA ALA A 164 13.68 -18.47 14.54
C ALA A 164 12.38 -18.23 13.76
N GLU A 165 11.87 -19.25 13.04
CA GLU A 165 10.64 -19.14 12.26
C GLU A 165 9.38 -19.08 13.19
N LYS A 166 9.59 -19.34 14.49
CA LYS A 166 8.58 -19.27 15.53
C LYS A 166 8.68 -17.91 16.27
N VAL A 167 9.69 -17.07 15.90
CA VAL A 167 9.94 -15.75 16.51
C VAL A 167 9.35 -14.62 15.64
N LEU A 169 6.78 -10.67 16.40
CA LEU A 169 6.09 -9.79 17.31
C LEU A 169 4.58 -10.05 17.24
N ASN A 170 4.05 -10.21 16.01
CA ASN A 170 2.62 -10.38 15.78
C ASN A 170 2.31 -11.79 15.20
N PRO A 171 2.09 -12.80 16.10
CA PRO A 171 1.77 -14.15 15.62
C PRO A 171 0.35 -14.29 15.08
N VAL A 172 -0.53 -13.32 15.38
CA VAL A 172 -1.96 -13.37 15.03
C VAL A 172 -2.47 -11.94 14.88
N PHE A 173 -2.86 -11.60 13.66
CA PHE A 173 -3.42 -10.30 13.29
C PHE A 173 -4.92 -10.20 13.64
N PRO A 174 -5.42 -8.98 13.92
CA PRO A 174 -6.85 -8.83 14.23
C PRO A 174 -7.71 -9.01 13.00
N GLU A 175 -8.96 -9.34 13.21
CA GLU A 175 -9.98 -9.47 12.16
C GLU A 175 -11.14 -8.59 12.53
N PRO A 176 -12.03 -8.16 11.59
CA PRO A 176 -13.25 -7.47 12.03
C PRO A 176 -14.13 -8.43 12.86
N PHE A 177 -15.07 -7.92 13.63
CA PHE A 177 -16.01 -8.79 14.36
C PHE A 177 -17.41 -8.23 14.10
N PRO A 178 -18.45 -9.09 14.07
CA PRO A 178 -19.77 -8.60 13.67
C PRO A 178 -20.42 -7.62 14.63
N GLN A 179 -21.12 -6.65 14.03
CA GLN A 179 -21.88 -5.58 14.66
C GLN A 179 -22.94 -6.15 15.63
N GLU A 180 -23.54 -7.32 15.29
CA GLU A 180 -24.59 -8.00 16.08
C GLU A 180 -24.08 -8.49 17.45
N TRP A 181 -22.75 -8.65 17.61
CA TRP A 181 -22.12 -9.05 18.87
C TRP A 181 -22.23 -7.96 19.96
N THR A 182 -22.44 -6.69 19.56
CA THR A 182 -22.55 -5.52 20.42
C THR A 182 -23.98 -5.31 20.92
N ARG A 183 -24.96 -6.07 20.37
CA ARG A 183 -26.36 -5.96 20.74
C ARG A 183 -26.57 -6.61 22.11
N SER B 5 7.53 22.38 -9.19
CA SER B 5 8.60 21.42 -8.88
C SER B 5 8.08 20.15 -8.17
N GLU B 6 6.77 19.91 -8.22
CA GLU B 6 6.17 18.73 -7.62
C GLU B 6 5.78 17.68 -8.68
N ALA B 7 5.64 16.44 -8.23
CA ALA B 7 5.29 15.29 -9.05
C ALA B 7 3.91 15.43 -9.66
N GLN B 8 3.77 14.97 -10.88
CA GLN B 8 2.50 15.00 -11.61
C GLN B 8 1.77 13.70 -11.43
N PHE B 9 0.44 13.69 -11.67
CA PHE B 9 -0.35 12.46 -11.60
C PHE B 9 0.09 11.51 -12.69
N PHE B 10 0.30 10.26 -12.31
CA PHE B 10 0.76 9.24 -13.24
C PHE B 10 -0.02 7.96 -12.98
N ALA B 11 0.11 7.02 -13.94
CA ALA B 11 -0.43 5.68 -13.89
C ALA B 11 0.57 4.75 -14.56
N PRO B 12 0.85 3.55 -13.96
CA PRO B 12 1.76 2.62 -14.63
C PRO B 12 1.10 1.98 -15.85
N THR B 13 1.89 1.64 -16.88
CA THR B 13 1.40 0.96 -18.08
C THR B 13 2.05 -0.43 -18.18
N LYS B 14 3.16 -0.60 -17.41
CA LYS B 14 3.96 -1.81 -17.41
C LYS B 14 4.80 -1.87 -16.15
N GLU B 15 4.83 -3.04 -15.54
CA GLU B 15 5.58 -3.36 -14.32
C GLU B 15 6.16 -4.76 -14.44
N SER B 16 7.46 -4.92 -14.23
CA SER B 16 8.02 -6.27 -14.28
C SER B 16 9.30 -6.39 -13.48
N PRO B 17 9.44 -7.51 -12.76
CA PRO B 17 10.70 -7.74 -12.03
C PRO B 17 11.79 -8.37 -12.91
N TYR B 18 13.05 -8.19 -12.50
CA TYR B 18 14.25 -8.76 -13.11
C TYR B 18 15.15 -9.21 -11.99
N GLU B 19 15.46 -10.51 -11.96
CA GLU B 19 16.27 -11.11 -10.91
C GLU B 19 17.55 -11.75 -11.49
N GLY B 20 18.21 -11.05 -12.43
CA GLY B 20 19.46 -11.49 -13.05
C GLY B 20 20.63 -11.59 -12.09
N ILE B 21 20.64 -10.70 -11.10
CA ILE B 21 21.62 -10.67 -10.01
C ILE B 21 20.93 -11.30 -8.81
N PRO B 22 21.31 -12.54 -8.44
CA PRO B 22 20.63 -13.24 -7.33
C PRO B 22 20.56 -12.42 -6.04
N GLY B 23 19.38 -12.41 -5.43
CA GLY B 23 19.10 -11.67 -4.21
C GLY B 23 19.00 -10.16 -4.38
N ARG B 24 19.13 -9.67 -5.62
CA ARG B 24 19.04 -8.24 -5.91
C ARG B 24 17.93 -8.00 -6.95
N LEU B 25 16.69 -7.85 -6.45
CA LEU B 25 15.51 -7.65 -7.27
C LEU B 25 15.47 -6.25 -7.89
N ARG B 26 15.32 -6.21 -9.22
CA ARG B 26 15.14 -5.00 -9.99
C ARG B 26 13.68 -4.91 -10.39
N TYR B 27 13.08 -3.73 -10.28
CA TYR B 27 11.71 -3.55 -10.67
C TYR B 27 11.66 -2.46 -11.71
N ASN B 28 11.25 -2.83 -12.93
CA ASN B 28 11.19 -1.88 -14.04
C ASN B 28 9.75 -1.49 -14.28
N VAL B 29 9.51 -0.16 -14.30
CA VAL B 29 8.18 0.39 -14.44
C VAL B 29 8.11 1.46 -15.53
N ARG B 30 7.08 1.37 -16.34
CA ARG B 30 6.75 2.38 -17.36
C ARG B 30 5.53 3.09 -16.89
N ILE B 31 5.60 4.42 -16.80
CA ILE B 31 4.48 5.24 -16.34
C ILE B 31 4.11 6.26 -17.43
N VAL B 32 2.89 6.80 -17.33
CA VAL B 32 2.38 7.85 -18.22
C VAL B 32 1.71 8.90 -17.36
N LEU B 33 1.66 10.14 -17.85
CA LEU B 33 0.96 11.22 -17.17
C LEU B 33 -0.51 11.11 -17.42
N VAL B 34 -1.29 11.31 -16.36
CA VAL B 34 -2.76 11.25 -16.45
C VAL B 34 -3.42 12.53 -15.94
N GLU B 35 -4.67 12.73 -16.29
CA GLU B 35 -5.44 13.85 -15.79
C GLU B 35 -6.89 13.42 -15.66
N GLN B 36 -7.69 14.18 -14.90
CA GLN B 36 -9.14 13.94 -14.78
C GLN B 36 -9.88 14.67 -15.88
N ASP B 37 -10.83 13.98 -16.54
CA ASP B 37 -11.68 14.60 -17.55
C ASP B 37 -12.92 15.24 -16.83
N LYS B 38 -13.78 15.95 -17.60
CA LYS B 38 -14.98 16.64 -17.08
C LYS B 38 -15.89 15.71 -16.23
N GLN B 39 -15.95 14.40 -16.58
CA GLN B 39 -16.76 13.37 -15.90
C GLN B 39 -16.06 12.85 -14.62
N GLY B 40 -14.82 13.29 -14.37
CA GLY B 40 -14.02 12.87 -13.23
C GLY B 40 -13.19 11.62 -13.47
N ASN B 41 -13.15 11.12 -14.73
CA ASN B 41 -12.39 9.92 -15.12
C ASN B 41 -10.94 10.27 -15.46
N TYR B 42 -10.01 9.34 -15.20
CA TYR B 42 -8.62 9.57 -15.48
C TYR B 42 -8.27 9.05 -16.86
N ILE B 43 -7.65 9.92 -17.66
CA ILE B 43 -7.26 9.65 -19.03
C ILE B 43 -5.81 9.98 -19.20
N ALA B 44 -5.21 9.50 -20.30
CA ALA B 44 -3.84 9.88 -20.69
C ALA B 44 -3.86 11.40 -20.88
N ARG B 45 -2.90 12.12 -20.28
CA ARG B 45 -2.82 13.58 -20.35
C ARG B 45 -2.79 14.03 -21.82
N ARG B 46 -3.82 14.80 -22.22
CA ARG B 46 -4.06 15.30 -23.58
C ARG B 46 -2.93 16.17 -24.12
N ASP B 47 -2.34 17.02 -23.25
CA ASP B 47 -1.26 17.93 -23.61
C ASP B 47 -0.36 18.13 -22.38
N SER B 48 0.92 17.79 -22.50
CA SER B 48 1.88 17.95 -21.40
C SER B 48 2.94 19.00 -21.74
N SER B 49 2.71 19.84 -22.78
CA SER B 49 3.71 20.85 -23.20
C SER B 49 3.93 21.96 -22.15
N THR B 50 3.03 22.06 -21.17
CA THR B 50 3.08 23.05 -20.09
C THR B 50 3.66 22.44 -18.81
N VAL B 51 4.02 21.16 -18.85
CA VAL B 51 4.68 20.45 -17.73
C VAL B 51 6.18 20.77 -17.83
N SER B 52 6.75 21.33 -16.75
CA SER B 52 8.18 21.68 -16.75
C SER B 52 9.08 20.44 -16.63
N LYS B 53 10.39 20.60 -16.95
CA LYS B 53 11.42 19.56 -16.80
C LYS B 53 11.49 19.12 -15.33
N ARG B 54 11.41 20.10 -14.41
CA ARG B 54 11.46 19.83 -12.97
CA ARG B 54 11.43 19.89 -12.97
C ARG B 54 10.27 18.98 -12.54
N GLN B 55 9.08 19.22 -13.12
CA GLN B 55 7.88 18.45 -12.82
C GLN B 55 7.98 17.01 -13.38
N LEU B 56 8.56 16.86 -14.57
CA LEU B 56 8.77 15.55 -15.19
C LEU B 56 9.73 14.71 -14.36
N ALA B 57 10.84 15.31 -13.90
CA ALA B 57 11.84 14.68 -13.03
C ALA B 57 11.20 14.29 -11.68
N ALA B 58 10.46 15.22 -11.04
CA ALA B 58 9.80 14.98 -9.76
C ALA B 58 8.84 13.79 -9.83
N THR B 59 8.23 13.57 -11.01
CA THR B 59 7.27 12.48 -11.23
C THR B 59 7.99 11.13 -11.16
N VAL B 60 9.12 10.97 -11.90
CA VAL B 60 9.88 9.72 -11.96
C VAL B 60 10.58 9.49 -10.60
N ILE B 61 11.03 10.57 -9.91
CA ILE B 61 11.66 10.42 -8.59
C ILE B 61 10.64 9.85 -7.60
N ALA B 62 9.39 10.42 -7.58
CA ALA B 62 8.31 9.98 -6.68
C ALA B 62 7.86 8.57 -7.01
N ALA B 63 7.79 8.22 -8.30
CA ALA B 63 7.42 6.87 -8.72
C ALA B 63 8.49 5.85 -8.27
N ALA B 64 9.81 6.18 -8.44
CA ALA B 64 10.93 5.32 -8.02
C ALA B 64 10.89 5.00 -6.51
N ARG B 65 10.76 6.02 -5.65
CA ARG B 65 10.61 5.89 -4.19
C ARG B 65 9.36 5.08 -3.81
N TYR B 66 8.24 5.25 -4.54
CA TYR B 66 7.00 4.52 -4.29
C TYR B 66 7.19 3.01 -4.53
N TYR B 67 7.72 2.65 -5.72
CA TYR B 67 7.91 1.26 -6.10
C TYR B 67 8.97 0.54 -5.29
N ALA B 68 9.98 1.25 -4.82
CA ALA B 68 11.05 0.67 -3.99
C ALA B 68 10.46 0.16 -2.69
N GLN B 69 9.53 0.96 -2.12
CA GLN B 69 8.82 0.70 -0.89
C GLN B 69 7.77 -0.41 -1.10
N GLU B 70 6.93 -0.27 -2.14
CA GLU B 70 5.83 -1.17 -2.43
C GLU B 70 6.32 -2.59 -2.82
N LYS B 71 7.35 -2.71 -3.67
CA LYS B 71 7.79 -4.04 -4.10
C LYS B 71 9.01 -4.56 -3.32
N ARG B 72 9.55 -3.74 -2.40
CA ARG B 72 10.76 -4.09 -1.63
C ARG B 72 11.89 -4.47 -2.62
N ALA B 73 12.04 -3.63 -3.63
CA ALA B 73 13.04 -3.81 -4.67
C ALA B 73 14.33 -3.16 -4.26
N ALA B 74 15.46 -3.79 -4.60
CA ALA B 74 16.79 -3.26 -4.31
C ALA B 74 17.12 -2.17 -5.37
N VAL B 75 16.53 -2.29 -6.57
CA VAL B 75 16.74 -1.38 -7.71
C VAL B 75 15.42 -1.14 -8.39
N VAL B 76 15.11 0.14 -8.68
CA VAL B 76 13.87 0.51 -9.37
C VAL B 76 14.20 1.44 -10.52
N SER B 77 13.77 1.05 -11.73
CA SER B 77 13.90 1.88 -12.94
C SER B 77 12.55 2.36 -13.36
N ILE B 78 12.43 3.68 -13.52
CA ILE B 78 11.18 4.29 -13.97
C ILE B 78 11.38 4.95 -15.31
N THR B 79 10.49 4.68 -16.26
CA THR B 79 10.48 5.38 -17.55
C THR B 79 9.12 6.06 -17.70
N LEU B 80 9.15 7.37 -17.93
CA LEU B 80 7.93 8.13 -18.19
C LEU B 80 7.81 8.30 -19.69
N ASP B 81 6.73 7.71 -20.26
CA ASP B 81 6.47 7.78 -21.71
C ASP B 81 5.53 8.94 -22.03
N SER B 82 5.61 9.41 -23.28
CA SER B 82 4.81 10.53 -23.78
C SER B 82 3.30 10.22 -23.75
N GLN B 83 2.96 8.96 -23.88
CA GLN B 83 1.57 8.48 -23.88
C GLN B 83 1.56 6.95 -23.92
N PRO B 84 0.43 6.28 -23.64
CA PRO B 84 0.39 4.83 -23.86
C PRO B 84 0.52 4.55 -25.37
N GLY B 85 1.06 3.41 -25.74
CA GLY B 85 1.17 3.09 -27.16
C GLY B 85 2.26 2.11 -27.50
N PRO B 86 2.41 1.79 -28.82
CA PRO B 86 3.49 0.85 -29.23
C PRO B 86 4.86 1.49 -29.12
N ALA B 87 5.92 0.71 -29.33
CA ALA B 87 7.33 1.11 -29.25
C ALA B 87 7.64 2.43 -29.99
N PHE B 88 7.11 2.58 -31.21
CA PHE B 88 7.39 3.77 -32.02
C PHE B 88 6.13 4.61 -32.21
N GLY B 89 5.32 4.66 -31.15
CA GLY B 89 4.11 5.46 -31.10
C GLY B 89 4.10 6.35 -29.90
N LYS B 90 5.26 6.46 -29.25
CA LYS B 90 5.50 7.22 -28.02
C LYS B 90 7.00 7.40 -27.85
N THR B 91 7.40 8.32 -26.94
CA THR B 91 8.80 8.59 -26.64
C THR B 91 8.97 8.79 -25.15
N VAL B 92 10.22 8.75 -24.70
CA VAL B 92 10.64 8.95 -23.32
C VAL B 92 10.64 10.43 -22.97
N LEU B 93 9.89 10.79 -21.90
CA LEU B 93 9.86 12.14 -21.35
C LEU B 93 10.84 12.28 -20.14
N ALA B 94 11.09 11.19 -19.42
CA ALA B 94 11.91 11.21 -18.21
C ALA B 94 12.27 9.80 -17.80
N THR B 95 13.42 9.65 -17.11
CA THR B 95 13.91 8.37 -16.53
C THR B 95 14.61 8.63 -15.19
N ALA B 96 14.62 7.61 -14.33
CA ALA B 96 15.35 7.60 -13.05
C ALA B 96 15.50 6.17 -12.55
N THR B 97 16.71 5.85 -12.08
CA THR B 97 17.02 4.55 -11.48
C THR B 97 17.43 4.85 -10.01
N TYR B 98 16.77 4.16 -9.08
CA TYR B 98 16.93 4.28 -7.65
C TYR B 98 17.36 2.95 -7.01
N ALA B 99 18.48 2.96 -6.27
CA ALA B 99 19.04 1.85 -5.49
C ALA B 99 19.14 2.31 -4.04
N PRO B 100 18.06 2.16 -3.24
CA PRO B 100 18.08 2.70 -1.84
C PRO B 100 19.31 2.38 -1.02
N ASP B 101 19.91 1.17 -1.17
CA ASP B 101 21.07 0.76 -0.39
C ASP B 101 22.42 1.40 -0.89
N GLY B 102 22.37 2.20 -1.95
CA GLY B 102 23.50 2.92 -2.51
C GLY B 102 24.54 2.07 -3.21
N LYS B 103 24.14 0.88 -3.70
CA LYS B 103 25.02 -0.11 -4.35
C LYS B 103 24.66 -0.35 -5.84
N GLY B 104 23.97 0.59 -6.46
CA GLY B 104 23.60 0.54 -7.87
C GLY B 104 22.81 -0.68 -8.30
N VAL B 105 22.91 -1.01 -9.57
CA VAL B 105 22.22 -2.17 -10.16
C VAL B 105 22.92 -3.48 -9.72
N SER B 106 24.27 -3.50 -9.79
CA SER B 106 25.14 -4.67 -9.54
C SER B 106 25.18 -5.13 -8.07
N GLY B 107 25.11 -4.20 -7.14
CA GLY B 107 25.23 -4.51 -5.72
C GLY B 107 26.63 -4.21 -5.20
N SER B 108 27.52 -3.79 -6.13
CA SER B 108 28.91 -3.43 -5.85
C SER B 108 29.24 -2.05 -6.47
N ASP B 109 28.21 -1.30 -6.94
CA ASP B 109 28.38 0.06 -7.44
C ASP B 109 28.38 1.00 -6.20
N ASP B 110 28.49 2.32 -6.43
CA ASP B 110 28.47 3.28 -5.32
C ASP B 110 27.58 4.46 -5.70
N TRP B 111 26.29 4.20 -5.86
CA TRP B 111 25.31 5.23 -6.18
C TRP B 111 23.93 4.83 -5.76
N THR B 112 23.08 5.83 -5.48
CA THR B 112 21.70 5.67 -5.06
C THR B 112 20.78 6.06 -6.22
N TRP B 113 21.15 7.13 -6.95
CA TRP B 113 20.39 7.61 -8.10
C TRP B 113 21.29 7.63 -9.33
N ASN B 114 20.74 7.21 -10.48
CA ASN B 114 21.43 7.20 -11.74
C ASN B 114 20.46 7.27 -12.90
N THR B 115 20.96 7.55 -14.11
CA THR B 115 20.19 7.59 -15.35
C THR B 115 19.04 8.61 -15.19
N LEU B 116 19.43 9.80 -14.74
CA LEU B 116 18.50 10.89 -14.48
C LEU B 116 18.35 11.68 -15.73
N GLN B 117 17.19 11.55 -16.37
CA GLN B 117 16.89 12.26 -17.61
C GLN B 117 15.52 12.84 -17.57
N ALA B 118 15.35 13.97 -18.24
CA ALA B 118 14.05 14.62 -18.39
C ALA B 118 14.08 15.51 -19.60
N THR B 119 12.98 15.56 -20.37
CA THR B 119 12.87 16.43 -21.55
C THR B 119 12.63 17.87 -21.03
N PRO B 120 12.98 18.93 -21.79
CA PRO B 120 12.74 20.31 -21.26
C PRO B 120 11.26 20.66 -21.06
N ARG B 121 10.34 19.84 -21.62
CA ARG B 121 8.88 19.98 -21.54
C ARG B 121 8.21 18.68 -21.99
N GLY B 122 6.89 18.57 -21.77
CA GLY B 122 6.10 17.47 -22.30
C GLY B 122 5.70 17.79 -23.73
N LEU B 123 4.73 17.04 -24.31
CA LEU B 123 4.36 17.25 -25.71
C LEU B 123 2.95 17.84 -25.89
N THR B 124 2.75 18.53 -27.01
CA THR B 124 1.47 19.13 -27.36
C THR B 124 0.53 18.04 -27.85
N ALA B 125 -0.77 18.31 -27.86
CA ALA B 125 -1.76 17.38 -28.37
C ALA B 125 -1.43 17.00 -29.84
N GLN B 126 -0.96 17.98 -30.66
CA GLN B 126 -0.58 17.74 -32.05
C GLN B 126 0.63 16.83 -32.13
N GLU B 127 1.65 17.07 -31.28
CA GLU B 127 2.85 16.24 -31.26
C GLU B 127 2.52 14.79 -30.90
N LEU B 128 1.62 14.62 -29.93
CA LEU B 128 1.15 13.33 -29.43
C LEU B 128 0.32 12.60 -30.51
N LYS B 129 -0.50 13.34 -31.27
CA LYS B 129 -1.28 12.82 -32.41
C LYS B 129 -0.34 12.34 -33.52
N ILE B 130 0.74 13.12 -33.80
CA ILE B 130 1.73 12.76 -34.82
C ILE B 130 2.38 11.41 -34.43
N GLN B 131 2.79 11.26 -33.15
CA GLN B 131 3.40 10.06 -32.58
C GLN B 131 2.49 8.87 -32.72
N CYS B 132 1.19 9.07 -32.45
CA CYS B 132 0.15 8.05 -32.52
C CYS B 132 0.02 7.58 -33.99
N LEU B 133 -0.04 8.53 -34.94
CA LEU B 133 -0.15 8.21 -36.36
C LEU B 133 1.08 7.50 -36.87
N TRP B 134 2.26 7.91 -36.37
CA TRP B 134 3.56 7.35 -36.71
C TRP B 134 3.56 5.85 -36.36
N GLY B 135 3.12 5.52 -35.14
CA GLY B 135 3.07 4.14 -34.66
C GLY B 135 2.07 3.30 -35.42
N GLU B 136 0.93 3.91 -35.81
CA GLU B 136 -0.15 3.27 -36.54
C GLU B 136 0.16 2.99 -38.00
N ARG B 138 3.56 3.34 -39.68
CA ARG B 138 4.92 2.89 -40.05
C ARG B 138 4.97 1.47 -40.65
N GLY B 139 4.07 0.59 -40.18
CA GLY B 139 3.95 -0.79 -40.67
C GLY B 139 3.61 -0.89 -42.15
N LYS B 140 2.93 0.13 -42.69
CA LYS B 140 2.53 0.20 -44.11
C LYS B 140 3.62 0.86 -44.97
N PHE B 141 4.72 1.29 -44.34
CA PHE B 141 5.82 2.02 -45.00
C PHE B 141 7.17 1.29 -44.83
N GLN B 142 7.13 -0.04 -44.75
CA GLN B 142 8.35 -0.82 -44.60
C GLN B 142 8.95 -1.16 -45.96
N VAL B 143 10.22 -0.76 -46.19
CA VAL B 143 10.95 -1.02 -47.44
C VAL B 143 12.33 -1.57 -47.06
N ASP B 144 12.58 -2.86 -47.38
CA ASP B 144 13.81 -3.63 -47.13
C ASP B 144 14.21 -3.59 -45.64
N GLY B 145 13.26 -3.92 -44.77
CA GLY B 145 13.43 -3.96 -43.33
C GLY B 145 13.59 -2.61 -42.63
N SER B 146 13.35 -1.51 -43.33
CA SER B 146 13.46 -0.18 -42.75
C SER B 146 12.27 0.70 -43.18
N THR B 147 11.87 1.64 -42.28
CA THR B 147 10.78 2.57 -42.53
C THR B 147 11.21 3.58 -43.56
N ASP B 148 10.36 3.75 -44.59
CA ASP B 148 10.56 4.77 -45.62
C ASP B 148 10.07 6.08 -44.98
N GLU B 149 10.98 6.75 -44.24
CA GLU B 149 10.69 7.99 -43.51
C GLU B 149 10.12 9.07 -44.38
N ARG B 150 10.69 9.26 -45.60
CA ARG B 150 10.29 10.26 -46.61
C ARG B 150 8.78 10.17 -46.90
N ARG B 151 8.32 8.96 -47.30
CA ARG B 151 6.95 8.63 -47.64
C ARG B 151 6.04 8.64 -46.42
N LEU B 152 6.55 8.21 -45.25
CA LEU B 152 5.77 8.19 -44.00
C LEU B 152 5.50 9.62 -43.53
N LYS B 153 6.52 10.51 -43.55
CA LYS B 153 6.39 11.92 -43.14
C LYS B 153 5.36 12.63 -44.02
N ALA B 154 5.48 12.43 -45.35
CA ALA B 154 4.60 13.02 -46.38
C ALA B 154 3.17 12.50 -46.29
N ALA B 155 2.98 11.22 -45.88
CA ALA B 155 1.64 10.64 -45.74
C ALA B 155 0.92 11.20 -44.49
N ILE B 156 1.66 11.40 -43.36
CA ILE B 156 1.12 12.00 -42.12
C ILE B 156 0.86 13.51 -42.40
N ALA B 157 1.78 14.13 -43.17
CA ALA B 157 1.73 15.52 -43.60
C ALA B 157 0.47 15.81 -44.45
N LYS B 158 0.09 14.86 -45.33
CA LYS B 158 -1.08 14.96 -46.20
C LYS B 158 -2.38 14.76 -45.41
N LYS B 159 -2.34 13.85 -44.42
CA LYS B 159 -3.47 13.51 -43.56
C LYS B 159 -3.80 14.66 -42.58
N LEU B 160 -2.77 15.23 -41.93
CA LEU B 160 -2.92 16.26 -40.92
C LEU B 160 -2.90 17.66 -41.52
N LYS B 161 -2.61 17.76 -42.82
CA LYS B 161 -2.57 19.02 -43.58
C LYS B 161 -1.56 20.01 -42.93
N ILE B 162 -0.37 19.49 -42.56
CA ILE B 162 0.73 20.23 -41.93
C ILE B 162 2.03 19.98 -42.75
N PRO B 163 3.13 20.78 -42.58
CA PRO B 163 4.36 20.45 -43.33
C PRO B 163 5.02 19.17 -42.80
N ALA B 164 5.63 18.39 -43.72
CA ALA B 164 6.30 17.11 -43.47
C ALA B 164 7.47 17.21 -42.49
N GLU B 165 8.08 18.42 -42.38
CA GLU B 165 9.23 18.65 -41.51
C GLU B 165 8.80 18.72 -40.03
N LYS B 166 7.48 18.89 -39.77
CA LYS B 166 6.87 18.92 -38.46
C LYS B 166 6.43 17.51 -38.03
N VAL B 167 6.55 16.55 -38.95
CA VAL B 167 6.22 15.14 -38.72
C VAL B 167 7.51 14.47 -38.21
N LEU B 169 8.86 11.76 -34.75
CA LEU B 169 8.57 10.91 -33.59
C LEU B 169 9.14 11.56 -32.32
N ASN B 170 10.30 12.22 -32.46
CA ASN B 170 11.03 12.91 -31.40
C ASN B 170 11.04 14.41 -31.55
N PRO B 171 9.99 15.15 -31.18
CA PRO B 171 10.08 16.63 -31.29
C PRO B 171 11.00 17.23 -30.23
N VAL B 172 11.13 16.53 -29.09
CA VAL B 172 12.04 16.93 -28.01
C VAL B 172 12.84 15.70 -27.66
N PHE B 173 14.03 15.93 -27.16
CA PHE B 173 14.88 14.85 -26.73
C PHE B 173 15.15 14.96 -25.22
N PRO B 174 15.39 13.85 -24.50
CA PRO B 174 15.70 13.96 -23.05
C PRO B 174 17.07 14.58 -22.83
N GLU B 175 17.23 15.20 -21.67
CA GLU B 175 18.46 15.83 -21.21
C GLU B 175 18.79 15.26 -19.88
N PRO B 176 20.03 15.34 -19.35
CA PRO B 176 20.24 14.92 -17.97
C PRO B 176 19.50 15.87 -17.01
N PHE B 177 19.28 15.45 -15.78
CA PHE B 177 18.74 16.36 -14.77
C PHE B 177 19.65 16.22 -13.54
N PRO B 178 19.87 17.30 -12.77
CA PRO B 178 20.81 17.22 -11.65
C PRO B 178 20.46 16.17 -10.58
N GLN B 179 21.51 15.63 -9.97
CA GLN B 179 21.48 14.68 -8.87
C GLN B 179 20.82 15.29 -7.60
N GLU B 180 21.01 16.60 -7.37
CA GLU B 180 20.48 17.35 -6.22
C GLU B 180 18.94 17.43 -6.27
N TRP B 181 18.31 17.22 -7.45
CA TRP B 181 16.85 17.22 -7.61
C TRP B 181 16.19 16.02 -6.92
N THR B 182 16.97 14.94 -6.68
CA THR B 182 16.54 13.70 -6.02
C THR B 182 16.58 13.78 -4.49
N ARG B 183 17.20 14.85 -3.94
CA ARG B 183 17.33 15.07 -2.49
C ARG B 183 16.01 15.60 -1.92
N GLU C 3 -22.66 5.16 2.68
CA GLU C 3 -23.40 4.71 1.50
C GLU C 3 -22.45 3.89 0.57
N GLN C 4 -22.39 4.20 -0.76
CA GLN C 4 -21.49 3.53 -1.73
C GLN C 4 -20.17 4.34 -1.86
N SER C 5 -19.72 4.89 -0.71
CA SER C 5 -18.53 5.70 -0.47
C SER C 5 -17.96 5.37 0.92
N GLU C 6 -18.33 4.19 1.48
CA GLU C 6 -17.93 3.72 2.81
C GLU C 6 -16.71 2.78 2.77
N ALA C 7 -15.97 2.77 3.91
CA ALA C 7 -14.82 1.90 4.09
C ALA C 7 -15.29 0.48 4.17
N GLN C 8 -14.55 -0.44 3.56
CA GLN C 8 -14.87 -1.86 3.51
C GLN C 8 -14.19 -2.58 4.65
N PHE C 9 -14.67 -3.80 4.98
CA PHE C 9 -14.03 -4.61 6.01
C PHE C 9 -12.67 -5.03 5.52
N PHE C 10 -11.67 -4.86 6.40
CA PHE C 10 -10.30 -5.18 6.08
C PHE C 10 -9.65 -5.88 7.24
N ALA C 11 -8.51 -6.50 7.00
CA ALA C 11 -7.66 -7.14 7.98
C ALA C 11 -6.19 -6.91 7.59
N PRO C 12 -5.30 -6.54 8.55
CA PRO C 12 -3.89 -6.34 8.18
C PRO C 12 -3.21 -7.69 7.86
N THR C 13 -2.21 -7.67 6.96
CA THR C 13 -1.41 -8.84 6.60
C THR C 13 0.05 -8.61 6.98
N LYS C 14 0.41 -7.34 7.17
CA LYS C 14 1.75 -6.91 7.51
C LYS C 14 1.72 -5.51 8.14
N GLU C 15 2.55 -5.32 9.16
CA GLU C 15 2.72 -4.08 9.92
C GLU C 15 4.18 -3.92 10.31
N SER C 16 4.77 -2.75 10.06
CA SER C 16 6.15 -2.54 10.49
C SER C 16 6.50 -1.07 10.63
N PRO C 17 7.30 -0.75 11.66
CA PRO C 17 7.74 0.65 11.83
C PRO C 17 9.04 0.95 11.08
N TYR C 18 9.28 2.25 10.82
CA TYR C 18 10.47 2.80 10.19
C TYR C 18 10.80 4.15 10.85
N GLU C 19 12.01 4.33 11.41
CA GLU C 19 12.35 5.62 12.01
C GLU C 19 13.68 6.12 11.44
N GLY C 20 13.75 6.14 10.10
CA GLY C 20 14.91 6.65 9.37
C GLY C 20 15.14 8.11 9.63
N ILE C 21 14.03 8.85 9.90
CA ILE C 21 14.06 10.26 10.29
C ILE C 21 13.89 10.26 11.80
N PRO C 22 14.97 10.58 12.57
CA PRO C 22 14.91 10.54 14.03
C PRO C 22 13.74 11.33 14.63
N GLY C 23 13.03 10.69 15.55
CA GLY C 23 11.87 11.25 16.23
C GLY C 23 10.62 11.30 15.35
N ARG C 24 10.71 10.73 14.13
CA ARG C 24 9.57 10.71 13.21
C ARG C 24 9.21 9.23 12.85
N LEU C 25 8.34 8.63 13.65
CA LEU C 25 7.95 7.25 13.44
C LEU C 25 6.99 7.12 12.25
N ARG C 26 7.36 6.24 11.30
CA ARG C 26 6.56 5.87 10.14
C ARG C 26 6.01 4.46 10.40
N TYR C 27 4.73 4.23 10.09
CA TYR C 27 4.15 2.90 10.27
C TYR C 27 3.60 2.46 8.95
N ASN C 28 4.17 1.39 8.40
CA ASN C 28 3.76 0.86 7.08
C ASN C 28 2.90 -0.37 7.28
N VAL C 29 1.72 -0.36 6.67
CA VAL C 29 0.74 -1.43 6.82
C VAL C 29 0.20 -1.90 5.48
N ARG C 30 0.06 -3.22 5.35
CA ARG C 30 -0.55 -3.88 4.22
C ARG C 30 -1.86 -4.47 4.71
N ILE C 31 -2.97 -4.16 4.02
CA ILE C 31 -4.29 -4.66 4.40
C ILE C 31 -4.91 -5.40 3.20
N VAL C 32 -5.94 -6.20 3.49
CA VAL C 32 -6.70 -6.94 2.47
C VAL C 32 -8.18 -6.83 2.83
N LEU C 33 -9.05 -6.95 1.82
CA LEU C 33 -10.50 -6.93 1.99
C LEU C 33 -10.95 -8.26 2.47
N VAL C 34 -11.85 -8.26 3.46
CA VAL C 34 -12.37 -9.50 4.00
C VAL C 34 -13.90 -9.53 3.98
N GLU C 35 -14.45 -10.71 4.14
CA GLU C 35 -15.90 -10.88 4.28
C GLU C 35 -16.17 -12.04 5.20
N GLN C 36 -17.40 -12.13 5.72
CA GLN C 36 -17.81 -13.30 6.51
C GLN C 36 -18.35 -14.39 5.59
N ASP C 37 -17.93 -15.65 5.81
CA ASP C 37 -18.47 -16.81 5.07
C ASP C 37 -19.75 -17.28 5.78
N LYS C 38 -20.43 -18.30 5.22
CA LYS C 38 -21.69 -18.85 5.74
C LYS C 38 -21.58 -19.27 7.23
N GLN C 39 -20.40 -19.76 7.65
CA GLN C 39 -20.09 -20.21 9.03
C GLN C 39 -19.76 -19.06 9.96
N GLY C 40 -19.72 -17.83 9.42
CA GLY C 40 -19.40 -16.63 10.17
C GLY C 40 -17.90 -16.35 10.30
N ASN C 41 -17.06 -17.10 9.56
CA ASN C 41 -15.62 -16.90 9.56
C ASN C 41 -15.23 -15.82 8.57
N TYR C 42 -14.17 -15.07 8.87
CA TYR C 42 -13.70 -14.02 7.97
C TYR C 42 -12.66 -14.62 7.06
N ILE C 43 -12.84 -14.36 5.77
CA ILE C 43 -11.99 -14.87 4.70
C ILE C 43 -11.62 -13.73 3.80
N ALA C 44 -10.57 -13.91 3.01
CA ALA C 44 -10.21 -12.95 1.98
C ALA C 44 -11.42 -12.84 1.02
N ARG C 45 -11.84 -11.61 0.72
CA ARG C 45 -12.98 -11.34 -0.13
C ARG C 45 -12.84 -12.08 -1.49
N ARG C 46 -13.80 -12.98 -1.77
CA ARG C 46 -13.88 -13.85 -2.93
C ARG C 46 -13.93 -13.10 -4.26
N ASP C 47 -14.69 -11.99 -4.31
CA ASP C 47 -14.83 -11.17 -5.51
C ASP C 47 -15.01 -9.70 -5.09
N SER C 48 -14.09 -8.81 -5.51
CA SER C 48 -14.19 -7.39 -5.18
C SER C 48 -14.47 -6.54 -6.44
N SER C 49 -14.88 -7.16 -7.56
CA SER C 49 -15.12 -6.42 -8.81
C SER C 49 -16.30 -5.42 -8.72
N THR C 50 -17.16 -5.56 -7.69
CA THR C 50 -18.32 -4.68 -7.47
C THR C 50 -17.99 -3.61 -6.42
N VAL C 51 -16.75 -3.60 -5.89
CA VAL C 51 -16.29 -2.60 -4.92
C VAL C 51 -15.82 -1.41 -5.75
N SER C 52 -16.39 -0.23 -5.51
CA SER C 52 -16.06 0.98 -6.26
C SER C 52 -14.70 1.54 -5.88
N LYS C 53 -14.16 2.44 -6.72
CA LYS C 53 -12.91 3.16 -6.49
C LYS C 53 -13.01 3.96 -5.19
N ARG C 54 -14.18 4.55 -4.96
CA ARG C 54 -14.48 5.37 -3.80
C ARG C 54 -14.42 4.53 -2.54
N GLN C 55 -14.94 3.30 -2.59
CA GLN C 55 -14.94 2.37 -1.46
C GLN C 55 -13.51 1.87 -1.16
N LEU C 56 -12.70 1.65 -2.21
CA LEU C 56 -11.31 1.23 -2.07
C LEU C 56 -10.50 2.32 -1.37
N ALA C 57 -10.70 3.58 -1.79
CA ALA C 57 -10.06 4.77 -1.23
C ALA C 57 -10.47 4.96 0.24
N ALA C 58 -11.79 4.88 0.52
CA ALA C 58 -12.35 5.05 1.87
C ALA C 58 -11.77 4.04 2.85
N THR C 59 -11.42 2.84 2.35
CA THR C 59 -10.85 1.76 3.17
C THR C 59 -9.43 2.15 3.67
N VAL C 60 -8.57 2.63 2.75
CA VAL C 60 -7.20 2.98 3.07
C VAL C 60 -7.14 4.27 3.89
N ILE C 61 -8.09 5.20 3.65
CA ILE C 61 -8.17 6.42 4.43
C ILE C 61 -8.51 6.04 5.91
N ALA C 62 -9.51 5.19 6.12
CA ALA C 62 -9.95 4.75 7.45
C ALA C 62 -8.87 3.96 8.17
N ALA C 63 -8.13 3.13 7.43
CA ALA C 63 -7.03 2.35 8.00
C ALA C 63 -5.90 3.29 8.44
N ALA C 64 -5.55 4.29 7.59
CA ALA C 64 -4.50 5.30 7.90
C ALA C 64 -4.81 6.06 9.22
N ARG C 65 -6.04 6.54 9.37
CA ARG C 65 -6.52 7.25 10.56
C ARG C 65 -6.46 6.36 11.82
N TYR C 66 -6.88 5.09 11.67
CA TYR C 66 -6.83 4.10 12.74
C TYR C 66 -5.38 3.86 13.25
N TYR C 67 -4.46 3.55 12.34
CA TYR C 67 -3.07 3.24 12.69
C TYR C 67 -2.29 4.44 13.25
N ALA C 68 -2.63 5.66 12.80
CA ALA C 68 -1.97 6.89 13.29
C ALA C 68 -2.24 7.04 14.79
N GLN C 69 -3.50 6.78 15.19
CA GLN C 69 -4.02 6.82 16.54
C GLN C 69 -3.45 5.67 17.39
N GLU C 70 -3.55 4.42 16.90
CA GLU C 70 -3.12 3.20 17.60
CA GLU C 70 -3.12 3.28 17.71
C GLU C 70 -1.61 3.16 17.87
N LYS C 71 -0.80 3.48 16.86
CA LYS C 71 0.65 3.38 17.03
C LYS C 71 1.31 4.71 17.36
N ARG C 72 0.53 5.82 17.39
CA ARG C 72 1.04 7.17 17.67
C ARG C 72 2.16 7.48 16.65
N ALA C 73 1.88 7.15 15.40
CA ALA C 73 2.82 7.35 14.31
C ALA C 73 2.67 8.74 13.72
N ALA C 74 3.78 9.37 13.38
CA ALA C 74 3.78 10.68 12.75
C ALA C 74 3.40 10.53 11.25
N VAL C 75 3.74 9.38 10.62
CA VAL C 75 3.48 9.04 9.22
C VAL C 75 2.93 7.62 9.16
N VAL C 76 1.88 7.40 8.35
CA VAL C 76 1.26 6.08 8.18
C VAL C 76 1.02 5.85 6.70
N SER C 77 1.60 4.75 6.19
CA SER C 77 1.40 4.29 4.81
C SER C 77 0.54 3.04 4.82
N ILE C 78 -0.54 3.07 4.05
CA ILE C 78 -1.44 1.93 3.91
C ILE C 78 -1.43 1.45 2.46
N THR C 79 -1.29 0.12 2.28
CA THR C 79 -1.42 -0.50 0.96
C THR C 79 -2.51 -1.53 1.07
N LEU C 80 -3.52 -1.42 0.22
CA LEU C 80 -4.58 -2.41 0.08
C LEU C 80 -4.22 -3.33 -1.07
N ASP C 81 -4.02 -4.62 -0.76
CA ASP C 81 -3.67 -5.64 -1.76
C ASP C 81 -4.90 -6.37 -2.22
N SER C 82 -4.87 -6.92 -3.44
CA SER C 82 -5.98 -7.66 -4.06
C SER C 82 -6.36 -8.88 -3.23
N GLN C 83 -5.40 -9.47 -2.53
CA GLN C 83 -5.60 -10.68 -1.71
C GLN C 83 -4.33 -11.01 -0.93
N PRO C 84 -4.37 -11.87 0.12
CA PRO C 84 -3.10 -12.30 0.74
C PRO C 84 -2.28 -13.10 -0.27
N GLY C 85 -0.96 -13.03 -0.17
CA GLY C 85 -0.09 -13.80 -1.03
C GLY C 85 1.31 -13.24 -1.19
N PRO C 86 2.15 -13.91 -2.02
CA PRO C 86 3.52 -13.39 -2.25
C PRO C 86 3.52 -12.13 -3.13
N ALA C 87 4.68 -11.50 -3.33
CA ALA C 87 4.85 -10.26 -4.08
C ALA C 87 4.18 -10.29 -5.46
N PHE C 88 4.29 -11.44 -6.19
CA PHE C 88 3.73 -11.55 -7.53
C PHE C 88 2.57 -12.52 -7.56
N GLY C 89 1.81 -12.52 -6.46
CA GLY C 89 0.61 -13.32 -6.29
C GLY C 89 -0.58 -12.44 -5.94
N LYS C 90 -0.39 -11.12 -6.08
CA LYS C 90 -1.36 -10.10 -5.71
C LYS C 90 -0.93 -8.79 -6.30
N THR C 91 -1.84 -7.81 -6.32
CA THR C 91 -1.59 -6.44 -6.82
C THR C 91 -2.22 -5.42 -5.88
N VAL C 92 -1.81 -4.17 -6.01
CA VAL C 92 -2.26 -3.02 -5.26
C VAL C 92 -3.60 -2.56 -5.79
N LEU C 93 -4.59 -2.48 -4.88
CA LEU C 93 -5.92 -1.97 -5.18
C LEU C 93 -6.04 -0.49 -4.76
N ALA C 94 -5.32 -0.07 -3.73
CA ALA C 94 -5.37 1.29 -3.20
C ALA C 94 -4.21 1.58 -2.28
N THR C 95 -3.82 2.86 -2.19
CA THR C 95 -2.75 3.36 -1.31
C THR C 95 -3.11 4.73 -0.75
N ALA C 96 -2.53 5.05 0.42
CA ALA C 96 -2.66 6.36 1.08
C ALA C 96 -1.58 6.52 2.13
N THR C 97 -0.98 7.71 2.15
CA THR C 97 0.01 8.10 3.16
C THR C 97 -0.58 9.28 3.92
N TYR C 98 -0.60 9.16 5.24
CA TYR C 98 -1.16 10.13 6.17
C TYR C 98 -0.09 10.64 7.15
N ALA C 99 0.07 11.97 7.21
CA ALA C 99 0.96 12.67 8.13
C ALA C 99 0.10 13.64 8.94
N PRO C 100 -0.52 13.19 10.08
CA PRO C 100 -1.45 14.06 10.83
C PRO C 100 -0.96 15.47 11.11
N ASP C 101 0.37 15.67 11.35
CA ASP C 101 0.91 17.01 11.67
C ASP C 101 1.09 17.91 10.42
N GLY C 102 0.78 17.39 9.24
CA GLY C 102 0.85 18.12 7.97
C GLY C 102 2.23 18.46 7.46
N LYS C 103 3.24 17.65 7.88
CA LYS C 103 4.65 17.84 7.54
C LYS C 103 5.23 16.67 6.72
N GLY C 104 4.38 15.91 6.04
CA GLY C 104 4.75 14.79 5.19
C GLY C 104 5.62 13.73 5.82
N VAL C 105 6.36 13.02 4.97
CA VAL C 105 7.28 11.97 5.39
C VAL C 105 8.51 12.59 6.11
N SER C 106 9.10 13.66 5.53
CA SER C 106 10.33 14.31 5.98
C SER C 106 10.23 15.07 7.29
N GLY C 107 9.07 15.68 7.55
CA GLY C 107 8.90 16.51 8.74
C GLY C 107 9.02 17.98 8.41
N SER C 108 9.37 18.28 7.13
CA SER C 108 9.52 19.64 6.58
C SER C 108 8.74 19.78 5.25
N ASP C 109 7.86 18.80 4.95
CA ASP C 109 6.97 18.86 3.79
C ASP C 109 5.74 19.69 4.19
N ASP C 110 4.76 19.85 3.29
CA ASP C 110 3.59 20.63 3.60
C ASP C 110 2.33 19.90 3.08
N TRP C 111 2.10 18.71 3.63
CA TRP C 111 0.95 17.90 3.26
C TRP C 111 0.59 16.95 4.37
N THR C 112 -0.69 16.58 4.40
CA THR C 112 -1.28 15.66 5.38
C THR C 112 -1.57 14.33 4.69
N TRP C 113 -2.05 14.38 3.42
CA TRP C 113 -2.34 13.19 2.63
C TRP C 113 -1.54 13.23 1.32
N ASN C 114 -1.01 12.06 0.93
CA ASN C 114 -0.26 11.91 -0.31
C ASN C 114 -0.31 10.47 -0.76
N THR C 115 0.18 10.17 -1.98
CA THR C 115 0.29 8.83 -2.57
C THR C 115 -1.11 8.22 -2.60
N LEU C 116 -2.08 9.01 -3.06
CA LEU C 116 -3.47 8.60 -3.09
C LEU C 116 -3.73 7.86 -4.37
N GLN C 117 -3.92 6.56 -4.28
CA GLN C 117 -4.19 5.72 -5.44
C GLN C 117 -5.30 4.77 -5.17
N ALA C 118 -6.06 4.45 -6.21
CA ALA C 118 -7.12 3.44 -6.12
C ALA C 118 -7.41 2.93 -7.53
N THR C 119 -7.65 1.62 -7.67
CA THR C 119 -8.00 1.02 -8.95
C THR C 119 -9.47 1.38 -9.25
N PRO C 120 -9.92 1.41 -10.52
CA PRO C 120 -11.35 1.77 -10.77
C PRO C 120 -12.37 0.79 -10.17
N ARG C 121 -11.91 -0.40 -9.77
CA ARG C 121 -12.69 -1.50 -9.20
C ARG C 121 -11.75 -2.52 -8.56
N GLY C 122 -12.33 -3.46 -7.80
CA GLY C 122 -11.60 -4.61 -7.28
C GLY C 122 -11.54 -5.70 -8.35
N LEU C 123 -11.14 -6.92 -7.98
CA LEU C 123 -10.97 -7.99 -8.96
C LEU C 123 -12.01 -9.10 -8.85
N THR C 124 -12.26 -9.78 -9.98
CA THR C 124 -13.21 -10.90 -10.01
C THR C 124 -12.56 -12.13 -9.39
N ALA C 125 -13.36 -13.12 -8.99
CA ALA C 125 -12.85 -14.38 -8.46
C ALA C 125 -11.84 -15.01 -9.47
N GLN C 126 -12.13 -14.92 -10.78
CA GLN C 126 -11.26 -15.47 -11.81
C GLN C 126 -9.93 -14.71 -11.89
N GLU C 127 -9.98 -13.37 -11.83
CA GLU C 127 -8.80 -12.53 -11.85
C GLU C 127 -7.91 -12.82 -10.64
N LEU C 128 -8.53 -13.02 -9.48
CA LEU C 128 -7.85 -13.33 -8.22
C LEU C 128 -7.22 -14.72 -8.25
N LYS C 129 -7.90 -15.71 -8.86
CA LYS C 129 -7.40 -17.06 -9.03
C LYS C 129 -6.19 -17.03 -9.98
N ILE C 130 -6.28 -16.22 -11.08
CA ILE C 130 -5.20 -16.04 -12.05
C ILE C 130 -3.92 -15.54 -11.32
N GLN C 131 -4.07 -14.50 -10.46
CA GLN C 131 -3.00 -13.89 -9.65
C GLN C 131 -2.36 -14.89 -8.71
N CYS C 132 -3.18 -15.74 -8.10
CA CYS C 132 -2.77 -16.77 -7.17
C CYS C 132 -1.91 -17.83 -7.91
N LEU C 133 -2.39 -18.27 -9.06
CA LEU C 133 -1.66 -19.23 -9.90
C LEU C 133 -0.33 -18.62 -10.40
N TRP C 134 -0.35 -17.33 -10.81
CA TRP C 134 0.83 -16.58 -11.25
C TRP C 134 1.95 -16.64 -10.21
N GLY C 135 1.63 -16.25 -8.96
CA GLY C 135 2.57 -16.23 -7.84
C GLY C 135 3.12 -17.57 -7.45
N GLU C 136 2.30 -18.64 -7.63
CA GLU C 136 2.66 -20.01 -7.29
C GLU C 136 3.52 -20.67 -8.35
N ARG C 138 5.16 -18.89 -11.29
CA ARG C 138 6.21 -18.08 -11.92
C ARG C 138 7.65 -18.61 -11.69
N GLY C 139 7.90 -19.22 -10.53
CA GLY C 139 9.20 -19.77 -10.16
C GLY C 139 9.67 -20.87 -11.08
N LYS C 140 8.74 -21.59 -11.70
CA LYS C 140 9.02 -22.67 -12.64
C LYS C 140 9.20 -22.14 -14.08
N PHE C 141 9.01 -20.83 -14.31
CA PHE C 141 9.06 -20.19 -15.62
C PHE C 141 10.12 -19.08 -15.69
N GLN C 142 11.21 -19.23 -14.92
CA GLN C 142 12.29 -18.25 -14.92
C GLN C 142 13.31 -18.56 -15.99
N VAL C 143 13.56 -17.60 -16.90
CA VAL C 143 14.54 -17.71 -17.98
C VAL C 143 15.38 -16.42 -17.99
N ASP C 144 16.68 -16.52 -17.67
CA ASP C 144 17.66 -15.42 -17.62
C ASP C 144 17.20 -14.25 -16.71
N GLY C 145 16.80 -14.61 -15.48
CA GLY C 145 16.36 -13.69 -14.44
C GLY C 145 15.01 -13.03 -14.67
N SER C 146 14.25 -13.53 -15.67
CA SER C 146 12.94 -12.97 -16.03
CA SER C 146 12.95 -12.97 -16.05
C SER C 146 11.92 -14.08 -16.29
N THR C 147 10.66 -13.80 -15.98
CA THR C 147 9.54 -14.71 -16.18
C THR C 147 9.25 -14.82 -17.67
N ASP C 148 9.17 -16.06 -18.18
CA ASP C 148 8.75 -16.34 -19.54
C ASP C 148 7.21 -16.20 -19.52
N GLU C 149 6.73 -14.95 -19.72
CA GLU C 149 5.31 -14.60 -19.68
C GLU C 149 4.45 -15.39 -20.67
N ARG C 150 4.96 -15.63 -21.87
CA ARG C 150 4.28 -16.36 -22.95
CA ARG C 150 4.28 -16.35 -22.95
C ARG C 150 3.86 -17.76 -22.47
N ARG C 151 4.83 -18.54 -21.91
CA ARG C 151 4.58 -19.90 -21.45
CA ARG C 151 4.63 -19.90 -21.44
C ARG C 151 3.87 -19.90 -20.11
N LEU C 152 4.08 -18.88 -19.26
CA LEU C 152 3.38 -18.79 -17.99
C LEU C 152 1.88 -18.50 -18.24
N LYS C 153 1.58 -17.54 -19.14
CA LYS C 153 0.22 -17.20 -19.53
C LYS C 153 -0.50 -18.43 -20.06
N ALA C 154 0.16 -19.18 -20.93
CA ALA C 154 -0.43 -20.36 -21.57
C ALA C 154 -0.69 -21.48 -20.59
N ALA C 155 0.23 -21.72 -19.64
CA ALA C 155 0.11 -22.77 -18.63
C ALA C 155 -1.00 -22.48 -17.66
N ILE C 156 -1.22 -21.19 -17.30
CA ILE C 156 -2.28 -20.81 -16.38
C ILE C 156 -3.62 -20.99 -17.13
N ALA C 157 -3.67 -20.54 -18.39
CA ALA C 157 -4.82 -20.58 -19.29
C ALA C 157 -5.25 -22.00 -19.61
N LYS C 158 -4.30 -22.97 -19.58
CA LYS C 158 -4.58 -24.38 -19.86
C LYS C 158 -5.16 -25.01 -18.56
N LYS C 159 -4.79 -24.49 -17.37
CA LYS C 159 -5.29 -24.99 -16.08
C LYS C 159 -6.71 -24.48 -15.75
N LEU C 160 -7.07 -23.31 -16.31
CA LEU C 160 -8.37 -22.67 -16.07
C LEU C 160 -9.29 -22.80 -17.26
N LYS C 161 -8.77 -23.36 -18.37
CA LYS C 161 -9.49 -23.62 -19.64
C LYS C 161 -10.13 -22.30 -20.15
N ILE C 162 -9.30 -21.24 -20.17
CA ILE C 162 -9.64 -19.88 -20.63
C ILE C 162 -8.60 -19.40 -21.66
N PRO C 163 -8.84 -18.34 -22.47
CA PRO C 163 -7.79 -17.87 -23.40
C PRO C 163 -6.63 -17.18 -22.67
N ALA C 164 -5.40 -17.38 -23.17
CA ALA C 164 -4.14 -16.82 -22.67
C ALA C 164 -4.14 -15.28 -22.60
N GLU C 165 -4.96 -14.62 -23.43
CA GLU C 165 -5.10 -13.15 -23.52
C GLU C 165 -5.69 -12.58 -22.23
N LYS C 166 -6.56 -13.38 -21.58
CA LYS C 166 -7.25 -13.09 -20.32
C LYS C 166 -6.34 -13.35 -19.10
N VAL C 167 -5.12 -13.86 -19.31
CA VAL C 167 -4.20 -14.19 -18.21
C VAL C 167 -3.20 -13.04 -17.95
N LEU C 169 -1.17 -10.65 -14.41
CA LEU C 169 -0.96 -10.46 -12.98
C LEU C 169 -1.80 -9.25 -12.57
N ASN C 170 -1.70 -8.20 -13.39
CA ASN C 170 -2.36 -6.95 -13.12
C ASN C 170 -3.40 -6.66 -14.19
N PRO C 171 -4.68 -7.12 -13.99
CA PRO C 171 -5.71 -6.86 -15.01
C PRO C 171 -6.18 -5.42 -15.02
N VAL C 172 -5.90 -4.67 -13.92
CA VAL C 172 -6.35 -3.31 -13.60
C VAL C 172 -5.26 -2.58 -12.84
N PHE C 173 -4.73 -1.49 -13.40
CA PHE C 173 -3.70 -0.66 -12.76
C PHE C 173 -4.33 0.43 -11.83
N PRO C 174 -3.62 0.83 -10.76
CA PRO C 174 -4.15 1.90 -9.88
C PRO C 174 -4.12 3.24 -10.58
N GLU C 175 -4.98 4.13 -10.14
CA GLU C 175 -5.10 5.49 -10.64
C GLU C 175 -4.95 6.43 -9.50
N PRO C 176 -4.64 7.74 -9.68
CA PRO C 176 -4.74 8.66 -8.54
C PRO C 176 -6.20 8.76 -8.07
N PHE C 177 -6.42 9.25 -6.85
CA PHE C 177 -7.78 9.55 -6.38
C PHE C 177 -7.72 10.94 -5.76
N PRO C 178 -8.84 11.70 -5.80
CA PRO C 178 -8.79 13.10 -5.36
C PRO C 178 -8.57 13.29 -3.86
N GLN C 179 -7.84 14.35 -3.55
CA GLN C 179 -7.50 14.81 -2.21
C GLN C 179 -8.77 15.10 -1.37
N GLU C 180 -9.87 15.59 -2.00
CA GLU C 180 -11.15 15.93 -1.35
CA GLU C 180 -11.15 15.94 -1.35
C GLU C 180 -11.81 14.70 -0.70
N TRP C 181 -11.47 13.48 -1.19
CA TRP C 181 -12.00 12.21 -0.67
C TRP C 181 -11.50 11.88 0.74
N THR C 182 -10.37 12.50 1.17
CA THR C 182 -9.75 12.33 2.47
C THR C 182 -10.36 13.25 3.56
N ARG C 183 -11.47 13.97 3.27
CA ARG C 183 -12.06 14.85 4.30
C ARG C 183 -12.82 14.07 5.38
#